data_5YFK
#
_entry.id   5YFK
#
_cell.length_a   74.670
_cell.length_b   59.730
_cell.length_c   56.220
_cell.angle_alpha   90.00
_cell.angle_beta   121.39
_cell.angle_gamma   90.00
#
_symmetry.space_group_name_H-M   'C 1 2 1'
#
loop_
_entity.id
_entity.type
_entity.pdbx_description
1 polymer 'Uncharacterized protein Sortase B'
2 water water
#
_entity_poly.entity_id   1
_entity_poly.type   'polypeptide(L)'
_entity_poly.pdbx_seq_one_letter_code
;MKIYQKRLEYYTDSRDYDNLRSLSPLSDSSVNKSPEEHKQDAESEKNLKNINPDYRFWIKVEGTNIDFPVVQGKDNDFYL
HHNFNKEKSFSGSIFVDSENNLNDDSNIVVYGHNMRNDTMFAQIKHFKNENFFNANKYVTLYREGKKSTFEIFSVYQENA
KDLESEIKTKFSNKEDYEKYLKEQESKSLFKRDGIDLNSNDRILTLITSGYDFVNARIVVVAKEIDLEHHHHHH
;
_entity_poly.pdbx_strand_id   A
#
# COMPACT_ATOMS: atom_id res chain seq x y z
N TYR A 10 9.36 20.85 -4.45
CA TYR A 10 10.28 20.43 -3.35
C TYR A 10 11.18 19.27 -3.80
N TYR A 11 12.41 19.27 -3.31
CA TYR A 11 13.43 18.30 -3.74
C TYR A 11 13.88 17.49 -2.53
N THR A 12 14.08 16.20 -2.71
CA THR A 12 14.13 15.31 -1.57
C THR A 12 14.86 13.99 -1.90
N ASP A 13 14.65 12.96 -1.09
CA ASP A 13 15.58 11.83 -1.00
C ASP A 13 15.35 10.76 -2.08
N SER A 14 14.86 11.17 -3.25
CA SER A 14 14.16 10.28 -4.18
C SER A 14 15.13 9.32 -4.89
N ARG A 15 16.40 9.70 -5.00
CA ARG A 15 17.28 9.14 -6.03
C ARG A 15 17.69 7.70 -5.70
N ASP A 16 18.02 7.45 -4.43
CA ASP A 16 18.40 6.12 -3.97
C ASP A 16 17.21 5.18 -4.10
N TYR A 17 16.06 5.64 -3.58
CA TYR A 17 14.83 4.87 -3.61
C TYR A 17 14.31 4.75 -5.05
N ASP A 18 15.21 4.85 -6.03
CA ASP A 18 14.88 4.64 -7.44
C ASP A 18 16.02 4.07 -8.28
N ASN A 19 17.24 4.16 -7.77
CA ASN A 19 18.19 3.05 -7.91
C ASN A 19 17.52 1.69 -7.70
N LEU A 20 16.75 1.59 -6.61
CA LEU A 20 16.13 0.33 -6.21
C LEU A 20 15.11 -0.16 -7.23
N ARG A 21 14.53 0.77 -7.97
CA ARG A 21 13.47 0.45 -8.91
C ARG A 21 13.94 -0.51 -9.99
N SER A 22 15.25 -0.52 -10.22
CA SER A 22 15.84 -1.46 -11.17
C SER A 22 15.89 -2.86 -10.55
N LEU A 23 15.71 -2.91 -9.23
CA LEU A 23 15.63 -4.18 -8.50
C LEU A 23 14.19 -4.67 -8.34
N SER A 24 13.28 -4.06 -9.08
CA SER A 24 11.87 -4.40 -8.92
C SER A 24 11.60 -5.76 -9.51
N PRO A 25 10.94 -6.64 -8.74
CA PRO A 25 10.55 -7.92 -9.28
C PRO A 25 9.34 -7.80 -10.19
N LEU A 26 8.87 -6.58 -10.43
CA LEU A 26 7.79 -6.32 -11.38
C LEU A 26 8.30 -5.56 -12.60
N SER A 27 9.33 -6.08 -13.26
CA SER A 27 9.84 -5.46 -14.49
C SER A 27 9.05 -5.92 -15.71
N SER A 34 8.33 -16.40 -17.75
CA SER A 34 9.28 -17.48 -18.03
C SER A 34 10.10 -17.81 -16.78
N PRO A 35 10.34 -19.11 -16.54
CA PRO A 35 11.10 -19.54 -15.37
C PRO A 35 12.47 -18.87 -15.21
N GLU A 36 12.98 -18.27 -16.28
CA GLU A 36 14.32 -17.66 -16.25
C GLU A 36 14.27 -16.16 -15.92
N GLU A 37 13.13 -15.53 -16.18
CA GLU A 37 12.86 -14.19 -15.67
C GLU A 37 12.42 -14.25 -14.21
N HIS A 38 11.49 -15.15 -13.92
CA HIS A 38 11.19 -15.56 -12.54
C HIS A 38 12.48 -15.66 -11.73
N LYS A 39 13.45 -16.42 -12.25
CA LYS A 39 14.77 -16.51 -11.63
C LYS A 39 15.33 -15.11 -11.39
N GLN A 40 15.20 -14.24 -12.40
CA GLN A 40 15.67 -12.87 -12.27
C GLN A 40 14.96 -12.16 -11.10
N ASP A 41 13.65 -12.35 -11.00
CA ASP A 41 12.86 -11.64 -10.01
C ASP A 41 13.15 -12.16 -8.60
N ALA A 42 13.60 -13.41 -8.50
CA ALA A 42 13.94 -14.01 -7.21
C ALA A 42 15.23 -13.41 -6.67
N GLU A 43 16.24 -13.30 -7.51
CA GLU A 43 17.46 -12.64 -7.10
C GLU A 43 17.21 -11.16 -6.77
N SER A 44 16.24 -10.56 -7.46
CA SER A 44 15.80 -9.22 -7.08
C SER A 44 15.36 -9.17 -5.63
N GLU A 45 14.48 -10.09 -5.24
CA GLU A 45 13.97 -10.11 -3.87
C GLU A 45 15.08 -10.43 -2.88
N LYS A 46 15.97 -11.33 -3.24
CA LYS A 46 17.06 -11.66 -2.34
C LYS A 46 17.98 -10.47 -2.10
N ASN A 47 18.22 -9.69 -3.14
CA ASN A 47 19.06 -8.49 -3.02
C ASN A 47 18.39 -7.42 -2.18
N LEU A 48 17.09 -7.23 -2.37
CA LEU A 48 16.34 -6.34 -1.48
C LEU A 48 16.42 -6.76 0.00
N LYS A 49 16.08 -8.01 0.29
CA LYS A 49 16.16 -8.55 1.65
C LYS A 49 17.56 -8.33 2.27
N ASN A 50 18.59 -8.44 1.43
CA ASN A 50 19.97 -8.31 1.90
C ASN A 50 20.29 -6.86 2.19
N ILE A 51 19.81 -5.95 1.36
CA ILE A 51 19.95 -4.53 1.65
C ILE A 51 19.23 -4.16 2.95
N ASN A 52 18.01 -4.67 3.13
CA ASN A 52 17.25 -4.37 4.34
C ASN A 52 16.36 -5.54 4.70
N PRO A 53 16.69 -6.24 5.78
CA PRO A 53 15.95 -7.43 6.15
C PRO A 53 14.46 -7.15 6.46
N ASP A 54 14.12 -5.88 6.62
CA ASP A 54 12.74 -5.48 6.90
C ASP A 54 11.87 -5.51 5.63
N TYR A 55 12.51 -5.73 4.49
CA TYR A 55 11.79 -5.85 3.22
C TYR A 55 10.74 -6.96 3.27
N ARG A 56 9.55 -6.68 2.71
CA ARG A 56 8.50 -7.70 2.69
C ARG A 56 7.94 -7.97 1.30
N PHE A 57 7.69 -6.92 0.52
CA PHE A 57 7.14 -7.09 -0.81
C PHE A 57 7.32 -5.82 -1.64
N TRP A 58 6.99 -5.92 -2.93
CA TRP A 58 7.02 -4.78 -3.82
C TRP A 58 5.57 -4.34 -4.14
N ILE A 59 5.37 -3.04 -4.23
CA ILE A 59 4.06 -2.49 -4.60
C ILE A 59 4.21 -1.62 -5.85
N LYS A 60 3.24 -1.78 -6.75
CA LYS A 60 3.10 -0.91 -7.88
C LYS A 60 1.63 -0.58 -8.09
N VAL A 61 1.36 0.69 -8.32
CA VAL A 61 -0.02 1.13 -8.52
C VAL A 61 -0.22 1.68 -9.91
N GLU A 62 -1.16 1.06 -10.61
CA GLU A 62 -1.39 1.32 -12.00
C GLU A 62 -1.69 2.78 -12.19
N GLY A 63 -1.03 3.37 -13.19
CA GLY A 63 -1.29 4.74 -13.61
C GLY A 63 -0.64 5.82 -12.76
N THR A 64 0.25 5.42 -11.87
CA THR A 64 0.92 6.33 -10.94
C THR A 64 2.41 6.06 -10.94
N ASN A 65 3.14 6.91 -10.22
CA ASN A 65 4.55 6.68 -9.93
C ASN A 65 4.80 5.93 -8.63
N ILE A 66 3.78 5.23 -8.16
CA ILE A 66 3.93 4.40 -6.98
C ILE A 66 4.47 3.02 -7.39
N ASP A 67 5.73 2.81 -7.07
CA ASP A 67 6.54 1.73 -7.61
C ASP A 67 7.74 1.54 -6.68
N PHE A 68 7.50 0.83 -5.59
CA PHE A 68 8.40 0.85 -4.45
C PHE A 68 8.58 -0.52 -3.81
N PRO A 69 9.72 -0.68 -3.10
CA PRO A 69 9.82 -1.72 -2.08
C PRO A 69 9.09 -1.30 -0.79
N VAL A 70 8.50 -2.29 -0.13
CA VAL A 70 7.78 -2.09 1.11
C VAL A 70 8.46 -2.85 2.23
N VAL A 71 8.67 -2.16 3.34
CA VAL A 71 9.32 -2.75 4.51
C VAL A 71 8.34 -2.85 5.68
N GLN A 72 8.74 -3.60 6.70
CA GLN A 72 7.95 -3.64 7.91
C GLN A 72 8.88 -3.41 9.10
N GLY A 73 8.63 -2.31 9.80
CA GLY A 73 9.40 -1.99 11.00
C GLY A 73 8.80 -2.61 12.25
N LYS A 74 9.41 -2.30 13.39
CA LYS A 74 8.91 -2.73 14.69
C LYS A 74 7.81 -1.82 15.22
N ASP A 75 7.64 -0.64 14.64
CA ASP A 75 6.52 0.23 14.95
C ASP A 75 6.11 0.96 13.67
N ASN A 76 5.05 1.76 13.75
CA ASN A 76 4.60 2.53 12.59
C ASN A 76 5.14 3.96 12.55
N ASP A 77 6.33 4.17 13.12
CA ASP A 77 6.99 5.47 13.13
C ASP A 77 8.38 5.46 12.50
N PHE A 78 9.14 4.38 12.67
CA PHE A 78 10.53 4.35 12.16
C PHE A 78 10.59 4.75 10.69
N TYR A 79 9.75 4.14 9.86
CA TYR A 79 9.92 4.32 8.42
C TYR A 79 9.15 5.53 7.89
N LEU A 80 8.59 6.34 8.79
CA LEU A 80 8.21 7.71 8.43
C LEU A 80 9.45 8.59 8.31
N HIS A 81 10.52 8.15 8.95
CA HIS A 81 11.70 9.02 9.14
C HIS A 81 13.00 8.34 8.72
N HIS A 82 12.92 7.17 8.15
CA HIS A 82 14.08 6.55 7.56
C HIS A 82 13.80 6.01 6.17
N ASN A 83 14.85 5.90 5.37
CA ASN A 83 14.73 5.38 4.01
C ASN A 83 15.02 3.90 3.99
N PHE A 84 15.13 3.34 2.79
CA PHE A 84 15.26 1.90 2.64
C PHE A 84 16.58 1.37 3.22
N ASN A 85 17.61 2.21 3.17
CA ASN A 85 18.91 1.92 3.81
C ASN A 85 18.92 2.21 5.30
N LYS A 86 17.79 2.67 5.84
CA LYS A 86 17.65 2.99 7.25
C LYS A 86 18.36 4.28 7.63
N GLU A 87 18.70 5.07 6.64
CA GLU A 87 19.25 6.40 6.87
C GLU A 87 18.12 7.37 7.21
N LYS A 88 18.41 8.31 8.10
CA LYS A 88 17.55 9.47 8.30
C LYS A 88 17.03 9.99 6.97
N SER A 89 15.73 10.26 6.91
CA SER A 89 15.13 10.65 5.65
C SER A 89 13.83 11.37 5.92
N PHE A 90 13.55 12.38 5.10
CA PHE A 90 12.30 13.09 5.19
C PHE A 90 11.19 12.35 4.45
N SER A 91 11.53 11.72 3.33
CA SER A 91 10.54 10.98 2.56
C SER A 91 10.17 9.68 3.26
N GLY A 92 11.11 9.13 4.01
CA GLY A 92 10.93 7.81 4.62
C GLY A 92 10.76 6.69 3.60
N SER A 93 9.97 5.71 3.97
CA SER A 93 9.80 4.51 3.17
C SER A 93 8.32 4.18 3.08
N ILE A 94 7.97 3.30 2.14
CA ILE A 94 6.61 2.71 2.17
C ILE A 94 6.64 1.51 3.09
N PHE A 95 5.76 1.50 4.08
CA PHE A 95 5.81 0.43 5.10
C PHE A 95 4.48 -0.18 5.45
N VAL A 96 4.53 -1.47 5.71
CA VAL A 96 3.38 -2.24 6.17
C VAL A 96 3.27 -2.13 7.69
N ASP A 97 2.03 -2.07 8.14
CA ASP A 97 1.73 -1.95 9.57
C ASP A 97 2.57 -2.93 10.38
N SER A 98 3.17 -2.44 11.46
CA SER A 98 4.08 -3.28 12.27
C SER A 98 3.35 -4.46 12.93
N GLU A 99 2.02 -4.36 13.04
CA GLU A 99 1.19 -5.41 13.66
C GLU A 99 0.66 -6.43 12.64
N ASN A 100 0.85 -6.14 11.34
CA ASN A 100 0.41 -7.08 10.31
C ASN A 100 1.13 -8.41 10.39
N ASN A 101 0.34 -9.48 10.38
CA ASN A 101 0.89 -10.80 10.02
C ASN A 101 0.56 -11.11 8.58
N LEU A 102 1.58 -11.04 7.71
CA LEU A 102 1.36 -11.09 6.27
C LEU A 102 0.96 -12.48 5.78
N ASN A 103 1.24 -13.50 6.58
CA ASN A 103 0.76 -14.85 6.24
C ASN A 103 -0.71 -15.06 6.55
N ASP A 104 -1.19 -14.37 7.59
CA ASP A 104 -2.51 -14.65 8.15
C ASP A 104 -3.55 -13.58 7.88
N ASP A 105 -3.16 -12.31 7.99
CA ASP A 105 -4.16 -11.25 8.15
C ASP A 105 -5.01 -11.05 6.87
N SER A 106 -6.29 -10.73 7.05
CA SER A 106 -7.18 -10.47 5.90
C SER A 106 -7.07 -9.03 5.34
N ASN A 107 -6.46 -8.13 6.12
CA ASN A 107 -6.23 -6.74 5.64
C ASN A 107 -4.77 -6.41 5.79
N ILE A 108 -4.10 -6.20 4.68
CA ILE A 108 -2.70 -5.76 4.66
C ILE A 108 -2.73 -4.24 4.60
N VAL A 109 -2.11 -3.61 5.58
CA VAL A 109 -2.21 -2.16 5.70
C VAL A 109 -0.88 -1.51 5.47
N VAL A 110 -0.84 -0.60 4.50
CA VAL A 110 0.41 -0.03 4.05
C VAL A 110 0.32 1.50 4.11
N TYR A 111 1.41 2.12 4.57
CA TYR A 111 1.51 3.56 4.78
C TYR A 111 2.61 4.14 3.93
N GLY A 112 2.44 5.41 3.59
CA GLY A 112 3.53 6.22 3.05
C GLY A 112 3.22 7.69 3.11
N HIS A 113 4.27 8.50 3.06
CA HIS A 113 4.16 9.96 3.10
C HIS A 113 3.48 10.50 1.84
N ASN A 114 2.84 11.67 2.00
CA ASN A 114 2.49 12.52 0.89
C ASN A 114 3.06 13.90 1.16
N MET A 115 4.25 14.16 0.63
CA MET A 115 5.00 15.34 1.02
C MET A 115 4.87 16.47 0.01
N ARG A 116 3.89 16.34 -0.90
CA ARG A 116 3.42 17.45 -1.72
C ARG A 116 4.40 17.76 -2.84
N ASN A 117 5.36 16.87 -3.04
CA ASN A 117 6.28 16.98 -4.15
C ASN A 117 6.18 15.76 -5.07
N ASP A 118 5.02 15.13 -5.10
CA ASP A 118 4.78 14.08 -6.07
C ASP A 118 5.68 12.86 -5.89
N THR A 119 5.89 12.45 -4.65
CA THR A 119 6.69 11.25 -4.35
C THR A 119 6.04 10.39 -3.27
N MET A 120 6.53 9.16 -3.12
CA MET A 120 6.02 8.19 -2.13
C MET A 120 4.55 7.92 -2.44
N PHE A 121 3.67 8.17 -1.49
CA PHE A 121 2.21 7.91 -1.68
C PHE A 121 1.42 9.19 -2.04
N ALA A 122 2.11 10.24 -2.50
CA ALA A 122 1.40 11.46 -2.92
C ALA A 122 0.27 11.12 -3.89
N GLN A 123 0.57 10.26 -4.86
CA GLN A 123 -0.40 10.01 -5.94
C GLN A 123 -1.60 9.21 -5.59
N ILE A 124 -1.66 8.70 -4.35
CA ILE A 124 -2.92 8.15 -3.84
C ILE A 124 -4.08 9.16 -3.91
N LYS A 125 -3.73 10.43 -3.86
CA LYS A 125 -4.73 11.50 -3.88
C LYS A 125 -5.47 11.58 -5.23
N HIS A 126 -4.91 10.91 -6.24
CA HIS A 126 -5.51 10.98 -7.59
C HIS A 126 -6.78 10.17 -7.58
N PHE A 127 -6.87 9.19 -6.68
CA PHE A 127 -8.03 8.33 -6.64
C PHE A 127 -9.29 9.03 -6.16
N LYS A 128 -9.15 10.27 -5.66
CA LYS A 128 -10.33 11.06 -5.27
C LYS A 128 -11.08 11.67 -6.46
N ASN A 129 -10.45 11.56 -7.63
CA ASN A 129 -11.07 11.99 -8.90
C ASN A 129 -11.75 10.82 -9.59
N GLU A 130 -13.03 10.95 -9.91
CA GLU A 130 -13.84 9.81 -10.34
C GLU A 130 -13.31 9.19 -11.64
N ASN A 131 -12.86 10.04 -12.56
CA ASN A 131 -12.33 9.56 -13.82
C ASN A 131 -11.10 8.68 -13.56
N PHE A 132 -10.18 9.19 -12.73
CA PHE A 132 -9.01 8.42 -12.34
C PHE A 132 -9.38 7.08 -11.72
N PHE A 133 -10.23 7.12 -10.69
CA PHE A 133 -10.74 5.90 -10.03
C PHE A 133 -11.29 4.88 -11.04
N ASN A 134 -12.10 5.35 -11.98
CA ASN A 134 -12.62 4.47 -13.01
C ASN A 134 -11.56 3.84 -13.90
N ALA A 135 -10.52 4.62 -14.19
CA ALA A 135 -9.54 4.24 -15.21
C ALA A 135 -8.41 3.40 -14.65
N ASN A 136 -8.16 3.56 -13.35
CA ASN A 136 -7.02 2.92 -12.69
C ASN A 136 -7.43 2.03 -11.53
N LYS A 137 -7.60 0.75 -11.84
CA LYS A 137 -8.33 -0.18 -10.99
C LYS A 137 -7.39 -0.95 -10.04
N TYR A 138 -6.15 -1.16 -10.46
CA TYR A 138 -5.35 -2.28 -9.92
C TYR A 138 -4.12 -1.85 -9.15
N VAL A 139 -3.89 -2.56 -8.06
CA VAL A 139 -2.62 -2.53 -7.31
C VAL A 139 -1.98 -3.91 -7.41
N THR A 140 -0.73 -3.92 -7.85
CA THR A 140 0.05 -5.16 -7.93
C THR A 140 1.05 -5.28 -6.78
N LEU A 141 1.06 -6.43 -6.11
CA LEU A 141 2.13 -6.75 -5.15
C LEU A 141 3.00 -7.87 -5.68
N TYR A 142 4.25 -7.90 -5.23
CA TYR A 142 5.09 -9.07 -5.44
C TYR A 142 5.72 -9.49 -4.14
N ARG A 143 5.31 -10.65 -3.66
CA ARG A 143 5.73 -11.14 -2.35
C ARG A 143 6.10 -12.63 -2.45
N GLU A 144 7.24 -13.00 -1.87
CA GLU A 144 7.64 -14.41 -1.85
C GLU A 144 7.51 -15.03 -3.23
N GLY A 145 8.07 -14.35 -4.22
CA GLY A 145 8.15 -14.88 -5.58
C GLY A 145 6.81 -15.00 -6.30
N LYS A 146 5.79 -14.28 -5.84
CA LYS A 146 4.47 -14.37 -6.44
C LYS A 146 3.89 -12.98 -6.65
N LYS A 147 3.35 -12.75 -7.85
CA LYS A 147 2.61 -11.56 -8.16
C LYS A 147 1.15 -11.71 -7.72
N SER A 148 0.62 -10.71 -7.03
CA SER A 148 -0.81 -10.68 -6.74
C SER A 148 -1.43 -9.35 -7.14
N THR A 149 -2.70 -9.41 -7.54
CA THR A 149 -3.42 -8.23 -8.00
C THR A 149 -4.62 -7.93 -7.09
N PHE A 150 -4.80 -6.65 -6.76
CA PHE A 150 -5.91 -6.17 -5.93
C PHE A 150 -6.70 -5.09 -6.66
N GLU A 151 -8.02 -5.21 -6.69
CA GLU A 151 -8.82 -4.21 -7.39
C GLU A 151 -9.41 -3.22 -6.40
N ILE A 152 -9.13 -1.95 -6.63
CA ILE A 152 -9.55 -0.86 -5.75
C ILE A 152 -11.04 -0.73 -5.81
N PHE A 153 -11.67 -0.73 -4.64
CA PHE A 153 -13.14 -0.62 -4.54
C PHE A 153 -13.58 0.56 -3.66
N SER A 154 -12.65 1.10 -2.89
CA SER A 154 -13.00 2.21 -1.97
C SER A 154 -11.93 3.28 -2.01
N VAL A 155 -12.34 4.55 -2.03
CA VAL A 155 -11.43 5.66 -1.78
C VAL A 155 -12.14 6.69 -0.90
N TYR A 156 -11.46 7.14 0.13
CA TYR A 156 -12.03 8.14 1.04
C TYR A 156 -10.98 8.95 1.79
N GLN A 157 -11.40 10.02 2.44
CA GLN A 157 -10.50 10.69 3.36
C GLN A 157 -11.24 11.06 4.62
N GLU A 158 -10.51 11.11 5.71
CA GLU A 158 -11.11 11.51 6.97
C GLU A 158 -10.05 11.90 7.93
N ASN A 159 -10.49 12.32 9.09
CA ASN A 159 -9.60 12.76 10.13
C ASN A 159 -8.67 11.63 10.62
N ALA A 160 -7.42 11.95 10.92
CA ALA A 160 -6.45 10.92 11.26
C ALA A 160 -6.81 10.14 12.53
N LYS A 161 -7.32 10.83 13.53
CA LYS A 161 -7.68 10.15 14.78
C LYS A 161 -8.83 9.14 14.61
N ASP A 162 -9.84 9.48 13.82
CA ASP A 162 -10.88 8.53 13.52
C ASP A 162 -10.35 7.33 12.76
N LEU A 163 -9.50 7.60 11.80
CA LEU A 163 -8.95 6.53 10.99
C LEU A 163 -8.19 5.53 11.84
N GLU A 164 -7.37 6.05 12.73
CA GLU A 164 -6.50 5.24 13.56
C GLU A 164 -7.28 4.29 14.46
N SER A 165 -8.54 4.66 14.71
CA SER A 165 -9.43 3.88 15.54
C SER A 165 -10.21 2.87 14.71
N GLU A 166 -10.38 3.15 13.42
CA GLU A 166 -11.20 2.31 12.57
C GLU A 166 -10.40 1.17 11.91
N ILE A 167 -9.18 1.45 11.47
CA ILE A 167 -8.45 0.49 10.60
C ILE A 167 -8.03 -0.73 11.46
N LYS A 168 -8.32 -1.93 10.96
CA LYS A 168 -8.07 -3.18 11.67
C LYS A 168 -7.34 -4.15 10.72
N THR A 169 -6.42 -4.94 11.27
CA THR A 169 -5.75 -6.04 10.55
C THR A 169 -6.22 -7.42 11.03
N LYS A 170 -6.92 -7.45 12.15
CA LYS A 170 -7.23 -8.67 12.86
C LYS A 170 -8.73 -8.67 13.03
N PHE A 171 -9.37 -9.81 12.77
CA PHE A 171 -10.82 -9.94 12.97
C PHE A 171 -11.22 -11.11 13.88
N SER A 172 -12.21 -10.88 14.76
CA SER A 172 -12.68 -11.95 15.63
C SER A 172 -13.17 -13.12 14.79
N ASN A 173 -14.13 -12.83 13.93
CA ASN A 173 -14.83 -13.86 13.16
C ASN A 173 -15.24 -13.29 11.81
N LYS A 174 -15.86 -14.15 11.00
CA LYS A 174 -16.35 -13.80 9.67
C LYS A 174 -17.31 -12.60 9.70
N GLU A 175 -18.30 -12.67 10.59
CA GLU A 175 -19.29 -11.62 10.76
C GLU A 175 -18.65 -10.25 10.99
N ASP A 176 -17.68 -10.21 11.89
CA ASP A 176 -16.95 -8.99 12.21
C ASP A 176 -16.21 -8.47 10.98
N TYR A 177 -15.65 -9.38 10.20
CA TYR A 177 -14.94 -9.00 8.97
C TYR A 177 -15.90 -8.50 7.90
N GLU A 178 -17.02 -9.19 7.74
CA GLU A 178 -18.00 -8.75 6.79
C GLU A 178 -18.46 -7.33 7.13
N LYS A 179 -18.66 -7.08 8.41
CA LYS A 179 -19.08 -5.76 8.87
C LYS A 179 -18.02 -4.72 8.49
N TYR A 180 -16.75 -5.06 8.72
CA TYR A 180 -15.64 -4.18 8.32
C TYR A 180 -15.62 -3.87 6.83
N LEU A 181 -15.81 -4.90 6.01
CA LEU A 181 -15.80 -4.74 4.57
C LEU A 181 -16.92 -3.78 4.15
N LYS A 182 -18.10 -4.01 4.69
CA LYS A 182 -19.27 -3.14 4.42
C LYS A 182 -19.02 -1.67 4.78
N GLU A 183 -18.37 -1.46 5.93
CA GLU A 183 -18.02 -0.10 6.36
C GLU A 183 -17.06 0.52 5.34
N GLN A 184 -16.01 -0.21 4.99
CA GLN A 184 -14.98 0.34 4.09
C GLN A 184 -15.55 0.65 2.71
N GLU A 185 -16.47 -0.20 2.25
CA GLU A 185 -17.09 0.01 0.96
C GLU A 185 -18.07 1.20 1.00
N SER A 186 -18.83 1.30 2.10
CA SER A 186 -19.83 2.35 2.28
C SER A 186 -19.23 3.72 2.35
N LYS A 187 -18.01 3.80 2.87
CA LYS A 187 -17.26 5.05 2.96
C LYS A 187 -16.81 5.62 1.60
N SER A 188 -16.70 4.77 0.58
CA SER A 188 -16.09 5.17 -0.68
C SER A 188 -16.86 6.33 -1.31
N LEU A 189 -16.11 7.29 -1.83
CA LEU A 189 -16.63 8.33 -2.71
C LEU A 189 -17.30 7.73 -3.94
N PHE A 190 -16.79 6.59 -4.39
CA PHE A 190 -17.14 5.99 -5.69
C PHE A 190 -17.40 4.50 -5.54
N LYS A 191 -18.42 4.00 -6.24
CA LYS A 191 -18.78 2.58 -6.21
C LYS A 191 -18.16 1.84 -7.39
N ARG A 192 -17.44 0.75 -7.09
CA ARG A 192 -16.93 -0.16 -8.11
C ARG A 192 -17.95 -1.26 -8.39
N ASP A 193 -18.44 -1.27 -9.63
CA ASP A 193 -19.48 -2.21 -10.02
C ASP A 193 -18.93 -3.63 -10.14
N GLY A 194 -19.68 -4.60 -9.62
CA GLY A 194 -19.45 -6.01 -9.92
C GLY A 194 -18.26 -6.61 -9.19
N ILE A 195 -17.84 -5.96 -8.11
CA ILE A 195 -16.61 -6.33 -7.41
C ILE A 195 -16.83 -7.53 -6.47
N ASP A 196 -18.08 -7.98 -6.35
CA ASP A 196 -18.46 -9.08 -5.45
C ASP A 196 -17.64 -9.06 -4.15
N LEU A 197 -17.78 -8.00 -3.36
CA LEU A 197 -17.02 -7.89 -2.14
C LEU A 197 -17.69 -8.79 -1.09
N ASN A 198 -16.89 -9.64 -0.46
CA ASN A 198 -17.43 -10.65 0.46
C ASN A 198 -16.39 -11.17 1.46
N SER A 199 -16.87 -11.84 2.51
CA SER A 199 -16.03 -12.14 3.65
C SER A 199 -14.94 -13.18 3.34
N ASN A 200 -14.96 -13.77 2.15
CA ASN A 200 -13.82 -14.61 1.77
C ASN A 200 -12.65 -13.81 1.22
N ASP A 201 -12.86 -12.52 0.98
CA ASP A 201 -11.86 -11.71 0.29
C ASP A 201 -10.68 -11.37 1.19
N ARG A 202 -9.56 -11.06 0.55
CA ARG A 202 -8.41 -10.49 1.23
C ARG A 202 -8.22 -9.08 0.71
N ILE A 203 -8.04 -8.12 1.60
CA ILE A 203 -7.94 -6.76 1.16
C ILE A 203 -6.59 -6.12 1.46
N LEU A 204 -6.36 -5.02 0.76
CA LEU A 204 -5.16 -4.20 0.86
C LEU A 204 -5.61 -2.76 1.10
N THR A 205 -5.10 -2.16 2.14
CA THR A 205 -5.45 -0.78 2.48
C THR A 205 -4.21 0.09 2.37
N LEU A 206 -4.31 1.17 1.58
CA LEU A 206 -3.21 2.11 1.42
C LEU A 206 -3.57 3.44 2.05
N ILE A 207 -2.68 3.93 2.90
CA ILE A 207 -2.96 5.13 3.69
C ILE A 207 -1.87 6.16 3.53
N THR A 208 -2.32 7.40 3.30
CA THR A 208 -1.44 8.52 3.28
C THR A 208 -2.07 9.76 3.92
N SER A 209 -1.29 10.84 4.02
CA SER A 209 -1.84 12.09 4.51
C SER A 209 -2.36 12.97 3.38
N GLY A 210 -3.38 13.77 3.67
CA GLY A 210 -3.85 14.74 2.70
C GLY A 210 -3.88 16.14 3.28
N TYR A 211 -4.05 17.12 2.39
CA TYR A 211 -3.97 18.51 2.80
C TYR A 211 -5.23 19.32 2.53
N ASP A 212 -6.33 18.63 2.24
CA ASP A 212 -7.61 19.31 2.11
C ASP A 212 -8.07 19.97 3.42
N PHE A 213 -7.75 19.30 4.54
CA PHE A 213 -8.10 19.79 5.87
C PHE A 213 -7.01 19.28 6.81
N VAL A 214 -6.83 19.94 7.95
CA VAL A 214 -5.75 19.54 8.83
C VAL A 214 -5.93 18.11 9.37
N ASN A 215 -4.83 17.37 9.41
CA ASN A 215 -4.84 15.95 9.78
C ASN A 215 -5.70 15.06 8.87
N ALA A 216 -5.82 15.42 7.60
CA ALA A 216 -6.52 14.56 6.64
C ALA A 216 -5.68 13.33 6.37
N ARG A 217 -6.36 12.21 6.24
CA ARG A 217 -5.79 11.00 5.72
C ARG A 217 -6.56 10.58 4.48
N ILE A 218 -5.82 10.12 3.48
CA ILE A 218 -6.49 9.57 2.28
C ILE A 218 -6.26 8.06 2.20
N VAL A 219 -7.33 7.31 1.91
CA VAL A 219 -7.34 5.85 2.04
C VAL A 219 -7.84 5.24 0.74
N VAL A 220 -7.12 4.22 0.25
CA VAL A 220 -7.57 3.39 -0.81
C VAL A 220 -7.61 1.91 -0.36
N VAL A 221 -8.75 1.26 -0.57
CA VAL A 221 -8.91 -0.15 -0.21
C VAL A 221 -9.23 -0.96 -1.47
N ALA A 222 -8.57 -2.11 -1.57
CA ALA A 222 -8.63 -2.95 -2.76
C ALA A 222 -8.74 -4.42 -2.33
N LYS A 223 -9.45 -5.21 -3.13
CA LYS A 223 -9.58 -6.65 -2.89
C LYS A 223 -8.81 -7.50 -3.86
N GLU A 224 -8.32 -8.63 -3.36
CA GLU A 224 -7.50 -9.51 -4.18
C GLU A 224 -8.38 -10.18 -5.22
N ILE A 225 -7.91 -10.16 -6.45
CA ILE A 225 -8.59 -10.80 -7.55
C ILE A 225 -7.68 -11.78 -8.27
N ASP A 226 -8.33 -12.63 -9.08
CA ASP A 226 -7.71 -13.78 -9.75
C ASP A 226 -7.42 -14.96 -8.83
#